data_8A8F
#
_entry.id   8A8F
#
_cell.length_a   90.230
_cell.length_b   90.230
_cell.length_c   101.140
_cell.angle_alpha   90.000
_cell.angle_beta   90.000
_cell.angle_gamma   120.000
#
_symmetry.space_group_name_H-M   'P 31 2 1'
#
loop_
_entity.id
_entity.type
_entity.pdbx_description
1 polymer 'Serine/threonine-protein phosphatase PP1-2'
2 polymer 'RNA end formation protein 2'
3 non-polymer 'MANGANESE (II) ION'
4 non-polymer 'PHOSPHATE ION'
5 water water
#
loop_
_entity_poly.entity_id
_entity_poly.type
_entity_poly.pdbx_seq_one_letter_code
_entity_poly.pdbx_strand_id
1 'polypeptide(L)'
;SMDSQPVDVDNIIDRLLEVRGSKPGQQVDLEENEIRYLCSKARSIFIKQPILLELEAPIKICGDIHGQYYDLLRLFEYGG
FPPESNYLFLGDYVDRGKQSLETICLLLAYKIKYPENFFILRGNHECASINRIYGFYDECKRRYNIKLWKTFTDCFNCLP
IAAIIDEKIFCMHGGLSPDLNSMEQIRRVMRPTDIPDVGLLCDLLWSDPDKDIVGWSENDRGVSFTFGPDVVNRFLQKQD
MELICRAHQVVEDGYEFFSKRQLVTLFSAPNYCGEFDNAGAMMSVDESLLCSFQILKPAQKSLPRQAGGRKKK
;
A
2 'polypeptide(L)' ISVQDSNVQSILRNGKPKKARISSIKFLDDSQLIKVYGDDLPNQGLQVSPTQLKKILKPGSGSGSGSPSYSPTSPSYSPT B
#
# COMPACT_ATOMS: atom_id res chain seq x y z
N GLN A 5 18.58 2.75 26.46
CA GLN A 5 17.80 1.52 26.62
C GLN A 5 16.27 1.72 26.40
N PRO A 6 15.71 2.96 26.62
CA PRO A 6 14.31 3.18 26.22
C PRO A 6 14.20 3.74 24.80
N VAL A 7 13.41 3.10 23.93
CA VAL A 7 13.44 3.41 22.50
C VAL A 7 12.43 4.52 22.18
N ASP A 8 12.82 5.48 21.34
CA ASP A 8 12.07 6.73 21.08
C ASP A 8 11.59 6.84 19.63
N VAL A 9 10.34 6.39 19.39
CA VAL A 9 9.78 6.35 18.05
C VAL A 9 9.74 7.75 17.40
N ASP A 10 9.40 8.76 18.20
CA ASP A 10 9.46 10.14 17.71
C ASP A 10 10.86 10.50 17.22
N ASN A 11 11.88 10.18 18.02
CA ASN A 11 13.26 10.43 17.61
C ASN A 11 13.61 9.68 16.33
N ILE A 12 13.22 8.40 16.24
CA ILE A 12 13.48 7.63 15.02
C ILE A 12 12.83 8.30 13.81
N ILE A 13 11.54 8.69 13.94
CA ILE A 13 10.91 9.35 12.80
C ILE A 13 11.67 10.62 12.41
N ASP A 14 12.06 11.41 13.42
CA ASP A 14 12.80 12.63 13.16
C ASP A 14 14.04 12.33 12.34
N ARG A 15 14.77 11.29 12.77
CA ARG A 15 15.97 10.89 12.04
C ARG A 15 15.66 10.30 10.67
N LEU A 16 14.59 9.50 10.55
CA LEU A 16 14.26 9.04 9.20
C LEU A 16 13.91 10.21 8.28
N LEU A 17 13.28 11.25 8.83
CA LEU A 17 12.86 12.37 8.00
C LEU A 17 13.96 13.40 7.76
N GLU A 18 15.10 13.33 8.47
CA GLU A 18 16.14 14.34 8.25
C GLU A 18 16.67 14.35 6.83
N VAL A 19 16.45 13.30 6.06
CA VAL A 19 17.06 13.27 4.75
C VAL A 19 16.14 13.87 3.70
N ARG A 20 15.02 14.48 4.12
CA ARG A 20 14.26 15.24 3.15
C ARG A 20 15.15 16.33 2.59
N GLY A 21 15.18 16.43 1.26
CA GLY A 21 16.04 17.38 0.56
C GLY A 21 17.37 16.83 0.11
N SER A 22 17.92 15.87 0.86
CA SER A 22 19.19 15.22 0.55
C SER A 22 19.11 14.47 -0.78
N LYS A 23 20.28 14.30 -1.42
CA LYS A 23 20.32 13.58 -2.69
C LYS A 23 19.74 12.19 -2.49
N PRO A 24 18.95 11.68 -3.43
CA PRO A 24 18.40 10.33 -3.29
C PRO A 24 19.48 9.27 -3.10
N GLY A 25 19.72 8.85 -1.86
CA GLY A 25 20.66 7.79 -1.61
C GLY A 25 21.20 7.81 -0.21
N GLN A 26 21.17 9.00 0.42
CA GLN A 26 21.72 9.13 1.76
C GLN A 26 21.04 8.15 2.70
N GLN A 27 21.83 7.24 3.27
CA GLN A 27 21.29 6.30 4.23
C GLN A 27 20.95 7.01 5.53
N VAL A 28 19.95 6.47 6.23
CA VAL A 28 19.72 6.75 7.64
C VAL A 28 20.20 5.52 8.37
N ASP A 29 20.86 5.72 9.50
CA ASP A 29 21.53 4.63 10.20
C ASP A 29 20.90 4.49 11.58
N LEU A 30 19.79 3.79 11.64
CA LEU A 30 19.20 3.46 12.93
C LEU A 30 20.08 2.44 13.64
N GLU A 31 19.94 2.38 14.95
CA GLU A 31 20.64 1.32 15.65
C GLU A 31 19.89 0.00 15.47
N GLU A 32 20.65 -1.11 15.55
CA GLU A 32 20.03 -2.42 15.49
C GLU A 32 18.86 -2.57 16.46
N ASN A 33 19.02 -2.20 17.74
CA ASN A 33 17.92 -2.44 18.64
C ASN A 33 16.74 -1.48 18.40
N GLU A 34 16.96 -0.38 17.73
CA GLU A 34 15.83 0.46 17.30
C GLU A 34 15.03 -0.26 16.24
N ILE A 35 15.72 -0.90 15.29
CA ILE A 35 14.96 -1.58 14.24
C ILE A 35 14.26 -2.79 14.81
N ARG A 36 14.96 -3.57 15.65
CA ARG A 36 14.30 -4.63 16.40
C ARG A 36 13.08 -4.16 17.16
N TYR A 37 13.15 -2.99 17.79
CA TYR A 37 11.94 -2.50 18.50
C TYR A 37 10.81 -2.21 17.53
N LEU A 38 11.09 -1.52 16.42
CA LEU A 38 10.03 -1.23 15.44
C LEU A 38 9.36 -2.52 14.96
N CYS A 39 10.17 -3.57 14.66
CA CYS A 39 9.61 -4.87 14.25
C CYS A 39 8.74 -5.47 15.33
N SER A 40 9.23 -5.55 16.58
CA SER A 40 8.44 -6.27 17.57
C SER A 40 7.25 -5.45 18.04
N LYS A 41 7.42 -4.15 18.21
CA LYS A 41 6.23 -3.35 18.59
C LYS A 41 5.17 -3.32 17.47
N ALA A 42 5.57 -3.10 16.22
CA ALA A 42 4.58 -3.10 15.12
C ALA A 42 3.96 -4.47 14.93
N ARG A 43 4.76 -5.55 15.08
CA ARG A 43 4.20 -6.88 15.01
C ARG A 43 3.09 -7.09 16.02
N SER A 44 3.25 -6.56 17.24
CA SER A 44 2.21 -6.82 18.23
C SER A 44 0.94 -6.04 17.88
N ILE A 45 1.08 -4.83 17.33
CA ILE A 45 -0.09 -4.06 16.88
C ILE A 45 -0.82 -4.82 15.77
N PHE A 46 -0.08 -5.36 14.79
CA PHE A 46 -0.67 -6.18 13.71
C PHE A 46 -1.49 -7.33 14.29
N ILE A 47 -0.91 -8.09 15.24
CA ILE A 47 -1.61 -9.21 15.88
C ILE A 47 -2.84 -8.75 16.63
N LYS A 48 -2.75 -7.63 17.33
CA LYS A 48 -3.90 -7.10 18.07
C LYS A 48 -4.96 -6.52 17.13
N GLN A 49 -4.60 -6.15 15.90
CA GLN A 49 -5.61 -5.67 14.98
C GLN A 49 -6.13 -6.78 14.05
N PRO A 50 -7.32 -6.61 13.50
CA PRO A 50 -7.89 -7.68 12.67
C PRO A 50 -7.05 -7.93 11.42
N ILE A 51 -7.21 -9.14 10.88
CA ILE A 51 -6.47 -9.49 9.64
C ILE A 51 -7.18 -8.92 8.44
N LEU A 52 -8.51 -8.70 8.56
CA LEU A 52 -9.33 -8.04 7.54
C LEU A 52 -9.79 -6.73 8.15
N LEU A 53 -9.14 -5.62 7.76
CA LEU A 53 -9.36 -4.33 8.38
C LEU A 53 -10.64 -3.73 7.83
N GLU A 54 -11.45 -3.13 8.72
CA GLU A 54 -12.62 -2.33 8.28
C GLU A 54 -12.33 -0.89 8.62
N LEU A 55 -12.22 -0.05 7.61
CA LEU A 55 -11.69 1.29 7.75
C LEU A 55 -12.78 2.24 7.30
N GLU A 56 -12.74 3.46 7.76
CA GLU A 56 -13.64 4.45 7.18
C GLU A 56 -12.84 5.61 6.62
N ALA A 57 -13.41 6.29 5.62
CA ALA A 57 -12.75 7.45 5.04
C ALA A 57 -12.67 8.60 6.07
N PRO A 58 -11.85 9.63 5.81
CA PRO A 58 -10.97 9.91 4.68
C PRO A 58 -9.71 9.04 4.76
N ILE A 59 -9.12 8.67 3.62
CA ILE A 59 -7.89 7.85 3.64
C ILE A 59 -7.24 8.02 2.27
N LYS A 60 -5.92 7.80 2.24
CA LYS A 60 -5.17 7.82 1.00
C LYS A 60 -4.56 6.44 0.80
N ILE A 61 -4.68 5.88 -0.40
CA ILE A 61 -4.32 4.48 -0.63
C ILE A 61 -3.16 4.44 -1.61
N CYS A 62 -2.09 3.60 -1.30
CA CYS A 62 -0.85 3.68 -2.03
C CYS A 62 -0.44 2.26 -2.39
N GLY A 63 0.17 2.12 -3.57
CA GLY A 63 0.67 0.84 -4.05
C GLY A 63 2.17 0.67 -3.77
N ASP A 64 2.80 -0.21 -4.56
CA ASP A 64 4.20 -0.69 -4.41
C ASP A 64 5.17 0.47 -4.19
N ILE A 65 6.12 0.26 -3.27
CA ILE A 65 7.21 1.19 -3.00
C ILE A 65 8.56 0.58 -3.36
N HIS A 66 8.72 -0.72 -3.12
CA HIS A 66 9.97 -1.45 -3.42
C HIS A 66 11.24 -0.66 -3.10
N GLY A 67 11.33 -0.25 -1.85
CA GLY A 67 12.62 0.28 -1.43
C GLY A 67 12.99 1.65 -2.00
N GLN A 68 12.10 2.29 -2.74
CA GLN A 68 12.41 3.63 -3.29
C GLN A 68 12.04 4.67 -2.24
N TYR A 69 12.87 4.81 -1.23
CA TYR A 69 12.53 5.59 -0.04
C TYR A 69 12.30 7.06 -0.40
N TYR A 70 13.11 7.60 -1.31
CA TYR A 70 12.91 9.01 -1.61
C TYR A 70 11.60 9.25 -2.31
N ASP A 71 11.04 8.25 -2.98
CA ASP A 71 9.69 8.40 -3.54
C ASP A 71 8.62 8.28 -2.46
N LEU A 72 8.83 7.42 -1.44
CA LEU A 72 7.93 7.43 -0.27
C LEU A 72 7.90 8.81 0.38
N LEU A 73 9.08 9.42 0.58
CA LEU A 73 9.08 10.75 1.19
C LEU A 73 8.32 11.77 0.32
N ARG A 74 8.40 11.65 -1.01
CA ARG A 74 7.60 12.53 -1.88
C ARG A 74 6.11 12.32 -1.71
N LEU A 75 5.67 11.06 -1.63
CA LEU A 75 4.27 10.76 -1.45
C LEU A 75 3.74 11.48 -0.23
N PHE A 76 4.49 11.39 0.87
CA PHE A 76 4.07 12.06 2.08
C PHE A 76 4.10 13.56 1.89
N GLU A 77 5.10 14.06 1.15
CA GLU A 77 5.25 15.51 1.00
C GLU A 77 4.01 16.11 0.33
N TYR A 78 3.53 15.46 -0.72
CA TYR A 78 2.36 15.91 -1.46
C TYR A 78 1.05 15.41 -0.86
N GLY A 79 1.03 14.19 -0.33
CA GLY A 79 -0.18 13.67 0.27
C GLY A 79 -0.43 14.17 1.68
N GLY A 80 0.61 14.64 2.36
CA GLY A 80 0.51 15.07 3.76
C GLY A 80 1.21 14.10 4.71
N PHE A 81 2.03 14.61 5.72
CA PHE A 81 2.64 13.59 6.56
C PHE A 81 1.63 13.09 7.59
N PRO A 82 1.67 11.80 7.92
CA PRO A 82 0.87 11.32 9.03
C PRO A 82 1.12 12.22 10.24
N PRO A 83 0.06 12.56 11.01
CA PRO A 83 -1.30 12.08 10.78
C PRO A 83 -2.17 13.12 10.08
N GLU A 84 -1.59 14.03 9.30
CA GLU A 84 -2.36 15.02 8.54
C GLU A 84 -3.28 14.34 7.52
N SER A 85 -2.84 13.22 6.93
CA SER A 85 -3.67 12.33 6.15
C SER A 85 -3.62 10.94 6.76
N ASN A 86 -4.70 10.17 6.59
CA ASN A 86 -4.72 8.75 6.92
C ASN A 86 -4.24 7.95 5.73
N TYR A 87 -3.58 6.81 6.00
CA TYR A 87 -2.98 6.06 4.91
C TYR A 87 -3.29 4.57 4.99
N LEU A 88 -3.49 3.96 3.82
CA LEU A 88 -3.51 2.53 3.62
C LEU A 88 -2.51 2.19 2.53
N PHE A 89 -1.46 1.41 2.84
CA PHE A 89 -0.51 0.91 1.84
C PHE A 89 -0.82 -0.54 1.50
N LEU A 90 -0.62 -0.91 0.24
CA LEU A 90 -1.13 -2.17 -0.27
C LEU A 90 -0.02 -3.24 -0.43
N GLY A 91 1.18 -3.02 0.11
CA GLY A 91 2.19 -4.11 0.11
C GLY A 91 3.40 -3.80 -0.76
N ASP A 92 4.35 -4.73 -0.77
CA ASP A 92 5.59 -4.61 -1.57
C ASP A 92 6.40 -3.37 -1.22
N TYR A 93 6.80 -3.32 0.06
CA TYR A 93 7.62 -2.27 0.65
C TYR A 93 9.10 -2.44 0.32
N VAL A 94 9.53 -3.70 0.20
CA VAL A 94 10.96 -3.97 0.14
C VAL A 94 11.30 -4.60 -1.20
N ASP A 95 12.59 -4.92 -1.38
CA ASP A 95 13.16 -5.53 -2.57
C ASP A 95 13.25 -4.55 -3.72
N ARG A 96 14.20 -4.84 -4.60
CA ARG A 96 14.55 -4.21 -5.87
C ARG A 96 15.17 -2.84 -5.63
N GLY A 97 14.53 -1.96 -4.87
CA GLY A 97 15.10 -0.67 -4.58
C GLY A 97 16.31 -0.75 -3.68
N LYS A 98 16.99 0.39 -3.55
CA LYS A 98 18.25 0.46 -2.82
C LYS A 98 18.08 0.76 -1.35
N GLN A 99 16.93 1.28 -0.93
CA GLN A 99 16.76 1.60 0.48
C GLN A 99 15.51 0.93 1.05
N SER A 100 15.48 -0.41 0.99
CA SER A 100 14.36 -1.11 1.61
C SER A 100 14.28 -0.84 3.11
N LEU A 101 15.40 -0.78 3.82
CA LEU A 101 15.33 -0.66 5.28
C LEU A 101 14.70 0.67 5.72
N GLU A 102 15.18 1.80 5.18
CA GLU A 102 14.53 3.09 5.51
C GLU A 102 13.04 3.06 5.21
N THR A 103 12.66 2.55 4.04
CA THR A 103 11.27 2.48 3.63
C THR A 103 10.44 1.71 4.64
N ILE A 104 10.84 0.48 4.98
CA ILE A 104 9.99 -0.27 5.89
C ILE A 104 10.08 0.28 7.30
N CYS A 105 11.21 0.86 7.69
CA CYS A 105 11.28 1.36 9.07
C CYS A 105 10.40 2.60 9.27
N LEU A 106 10.35 3.47 8.29
CA LEU A 106 9.44 4.65 8.42
C LEU A 106 7.99 4.17 8.53
N LEU A 107 7.60 3.21 7.68
CA LEU A 107 6.24 2.67 7.73
C LEU A 107 5.92 2.06 9.10
N LEU A 108 6.82 1.22 9.64
CA LEU A 108 6.57 0.63 10.96
C LEU A 108 6.50 1.70 12.05
N ALA A 109 7.38 2.70 11.96
CA ALA A 109 7.40 3.77 12.96
C ALA A 109 6.06 4.52 12.95
N TYR A 110 5.52 4.78 11.76
CA TYR A 110 4.19 5.45 11.75
C TYR A 110 3.06 4.54 12.19
N LYS A 111 3.19 3.24 11.97
CA LYS A 111 2.19 2.32 12.47
C LYS A 111 2.16 2.37 13.99
N ILE A 112 3.35 2.38 14.63
CA ILE A 112 3.43 2.43 16.08
C ILE A 112 2.85 3.75 16.62
N LYS A 113 3.15 4.83 15.93
CA LYS A 113 2.78 6.15 16.41
C LYS A 113 1.28 6.42 16.23
N TYR A 114 0.71 6.03 15.08
CA TYR A 114 -0.69 6.32 14.73
C TYR A 114 -1.41 5.02 14.38
N PRO A 115 -1.51 4.06 15.33
CA PRO A 115 -1.93 2.70 14.99
C PRO A 115 -3.32 2.55 14.41
N GLU A 116 -4.23 3.51 14.64
CA GLU A 116 -5.56 3.34 14.10
C GLU A 116 -5.87 4.34 13.00
N ASN A 117 -4.81 5.00 12.49
CA ASN A 117 -4.87 5.96 11.37
C ASN A 117 -3.81 5.72 10.31
N PHE A 118 -3.01 4.62 10.39
CA PHE A 118 -1.95 4.40 9.43
C PHE A 118 -1.89 2.89 9.31
N PHE A 119 -2.08 2.36 8.09
CA PHE A 119 -2.27 0.92 7.87
C PHE A 119 -1.42 0.43 6.71
N ILE A 120 -0.78 -0.74 6.88
CA ILE A 120 0.00 -1.35 5.81
C ILE A 120 -0.44 -2.79 5.66
N LEU A 121 -0.71 -3.21 4.43
CA LEU A 121 -1.10 -4.58 4.16
C LEU A 121 0.14 -5.36 3.72
N ARG A 122 -0.04 -6.66 3.67
CA ARG A 122 1.02 -7.56 3.23
C ARG A 122 1.02 -7.65 1.71
N GLY A 123 2.21 -7.52 1.08
CA GLY A 123 2.37 -7.80 -0.34
C GLY A 123 3.13 -9.12 -0.46
N ASN A 124 3.22 -9.63 -1.69
CA ASN A 124 3.92 -10.90 -1.91
C ASN A 124 5.43 -10.83 -1.66
N HIS A 125 6.04 -9.64 -1.66
CA HIS A 125 7.42 -9.47 -1.24
C HIS A 125 7.58 -9.39 0.29
N GLU A 126 6.50 -9.28 1.07
CA GLU A 126 6.69 -9.40 2.51
C GLU A 126 6.61 -10.87 2.94
N CYS A 127 7.57 -11.62 2.42
CA CYS A 127 7.58 -13.06 2.54
C CYS A 127 9.03 -13.48 2.44
N ALA A 128 9.54 -14.24 3.44
CA ALA A 128 10.97 -14.55 3.43
C ALA A 128 11.42 -15.25 2.14
N SER A 129 10.61 -16.13 1.56
CA SER A 129 11.20 -16.89 0.45
C SER A 129 11.35 -16.00 -0.79
N ILE A 130 10.60 -14.90 -0.87
CA ILE A 130 10.78 -13.94 -1.95
C ILE A 130 11.88 -12.92 -1.63
N ASN A 131 11.82 -12.29 -0.45
CA ASN A 131 12.74 -11.16 -0.20
C ASN A 131 14.12 -11.65 0.27
N ARG A 132 14.29 -12.98 0.41
CA ARG A 132 15.65 -13.52 0.50
C ARG A 132 16.41 -13.27 -0.80
N ILE A 133 15.70 -13.35 -1.91
CA ILE A 133 16.25 -13.33 -3.28
C ILE A 133 16.31 -11.94 -3.89
N TYR A 134 15.27 -11.13 -3.72
CA TYR A 134 15.10 -9.96 -4.56
C TYR A 134 15.71 -8.69 -3.97
N GLY A 135 16.48 -8.80 -2.90
CA GLY A 135 17.30 -7.70 -2.40
C GLY A 135 17.24 -7.36 -0.94
N PHE A 136 16.11 -7.59 -0.24
CA PHE A 136 15.98 -7.15 1.15
C PHE A 136 16.94 -7.90 2.06
N TYR A 137 17.04 -9.21 1.88
CA TYR A 137 17.99 -9.98 2.69
C TYR A 137 19.41 -9.48 2.52
N ASP A 138 19.80 -9.20 1.27
CA ASP A 138 21.13 -8.64 1.02
C ASP A 138 21.36 -7.34 1.75
N GLU A 139 20.37 -6.43 1.70
CA GLU A 139 20.53 -5.16 2.38
C GLU A 139 20.59 -5.35 3.88
N CYS A 140 19.81 -6.28 4.42
CA CYS A 140 19.86 -6.52 5.86
C CYS A 140 21.20 -7.09 6.29
N LYS A 141 21.76 -7.99 5.49
CA LYS A 141 23.05 -8.56 5.85
C LYS A 141 24.16 -7.53 5.74
N ARG A 142 24.16 -6.78 4.62
CA ARG A 142 25.17 -5.75 4.35
C ARG A 142 25.26 -4.73 5.48
N ARG A 143 24.12 -4.24 5.95
CA ARG A 143 24.12 -3.18 6.95
C ARG A 143 24.00 -3.68 8.38
N TYR A 144 23.37 -4.84 8.59
CA TYR A 144 23.21 -5.32 9.97
C TYR A 144 23.65 -6.79 10.06
N ASN A 145 22.72 -7.75 10.15
CA ASN A 145 23.09 -9.16 10.23
C ASN A 145 21.90 -10.03 9.79
N ILE A 146 22.16 -11.32 9.69
CA ILE A 146 21.11 -12.24 9.28
C ILE A 146 19.96 -12.25 10.27
N LYS A 147 20.29 -12.17 11.55
CA LYS A 147 19.30 -12.18 12.61
C LYS A 147 18.25 -11.08 12.43
N LEU A 148 18.69 -9.95 11.92
CA LEU A 148 17.74 -8.82 11.78
C LEU A 148 16.74 -9.14 10.66
N TRP A 149 17.21 -9.77 9.59
CA TRP A 149 16.31 -10.24 8.54
C TRP A 149 15.27 -11.21 9.08
N LYS A 150 15.66 -12.19 9.91
CA LYS A 150 14.66 -13.05 10.55
C LYS A 150 13.68 -12.27 11.42
N THR A 151 14.12 -11.20 12.06
CA THR A 151 13.21 -10.40 12.88
C THR A 151 12.20 -9.71 11.99
N PHE A 152 12.61 -9.20 10.83
CA PHE A 152 11.58 -8.68 9.91
C PHE A 152 10.61 -9.77 9.46
N THR A 153 11.11 -10.98 9.18
CA THR A 153 10.24 -12.07 8.75
C THR A 153 9.17 -12.35 9.78
N ASP A 154 9.54 -12.36 11.06
CA ASP A 154 8.51 -12.61 12.06
C ASP A 154 7.51 -11.47 12.09
N CYS A 155 7.94 -10.28 11.76
CA CYS A 155 7.00 -9.15 11.73
C CYS A 155 6.05 -9.27 10.51
N PHE A 156 6.62 -9.49 9.32
CA PHE A 156 5.84 -9.60 8.10
C PHE A 156 4.82 -10.72 8.18
N ASN A 157 5.18 -11.84 8.83
CA ASN A 157 4.27 -12.96 8.96
C ASN A 157 3.01 -12.61 9.75
N CYS A 158 2.95 -11.43 10.40
CA CYS A 158 1.74 -11.00 11.10
C CYS A 158 0.99 -9.87 10.44
N LEU A 159 1.44 -9.36 9.27
CA LEU A 159 0.69 -8.28 8.61
C LEU A 159 -0.76 -8.67 8.27
N PRO A 160 -1.69 -7.70 8.25
CA PRO A 160 -3.03 -7.96 7.76
C PRO A 160 -2.95 -8.15 6.24
N ILE A 161 -4.02 -8.77 5.70
CA ILE A 161 -4.09 -9.25 4.32
C ILE A 161 -5.01 -8.43 3.42
N ALA A 162 -6.02 -7.78 3.96
CA ALA A 162 -6.93 -7.00 3.12
C ALA A 162 -7.63 -6.00 3.99
N ALA A 163 -8.32 -5.04 3.34
CA ALA A 163 -9.11 -4.06 4.05
C ALA A 163 -10.39 -3.78 3.28
N ILE A 164 -11.39 -3.25 3.98
CA ILE A 164 -12.64 -2.81 3.37
C ILE A 164 -12.92 -1.42 3.87
N ILE A 165 -12.98 -0.45 2.96
CA ILE A 165 -13.21 0.93 3.32
C ILE A 165 -14.71 1.21 3.19
N ASP A 166 -15.32 1.65 4.31
CA ASP A 166 -16.74 2.07 4.37
C ASP A 166 -17.66 1.08 3.67
N GLU A 167 -17.38 -0.21 3.87
CA GLU A 167 -18.15 -1.34 3.36
C GLU A 167 -18.17 -1.36 1.82
N LYS A 168 -17.41 -0.53 1.14
CA LYS A 168 -17.61 -0.41 -0.30
C LYS A 168 -16.34 -0.65 -1.15
N ILE A 169 -15.15 -0.39 -0.61
CA ILE A 169 -13.90 -0.57 -1.37
C ILE A 169 -13.11 -1.72 -0.73
N PHE A 170 -12.84 -2.77 -1.51
CA PHE A 170 -12.12 -3.93 -1.05
C PHE A 170 -10.71 -3.85 -1.59
N CYS A 171 -9.70 -3.95 -0.71
CA CYS A 171 -8.33 -3.56 -1.04
C CYS A 171 -7.43 -4.73 -0.67
N MET A 172 -6.50 -5.06 -1.55
CA MET A 172 -5.56 -6.15 -1.28
C MET A 172 -4.36 -5.92 -2.20
N HIS A 173 -3.25 -6.62 -1.95
CA HIS A 173 -2.09 -6.34 -2.80
C HIS A 173 -2.30 -6.80 -4.25
N GLY A 174 -2.72 -8.05 -4.40
CA GLY A 174 -2.71 -8.75 -5.68
C GLY A 174 -4.10 -8.78 -6.34
N GLY A 175 -5.00 -9.60 -5.83
CA GLY A 175 -6.33 -9.54 -6.42
C GLY A 175 -7.28 -10.52 -5.79
N LEU A 176 -8.23 -11.03 -6.57
CA LEU A 176 -9.24 -11.96 -6.07
C LEU A 176 -8.72 -13.40 -6.04
N SER A 177 -9.57 -14.30 -5.57
CA SER A 177 -9.24 -15.73 -5.47
C SER A 177 -10.47 -16.47 -5.97
N PRO A 178 -10.31 -17.53 -6.75
CA PRO A 178 -11.47 -18.37 -7.04
C PRO A 178 -11.99 -19.08 -5.82
N ASP A 179 -11.27 -19.12 -4.71
CA ASP A 179 -11.76 -19.70 -3.47
C ASP A 179 -12.45 -18.68 -2.55
N LEU A 180 -12.52 -17.41 -2.91
CA LEU A 180 -13.09 -16.40 -2.00
C LEU A 180 -14.60 -16.30 -2.16
N ASN A 181 -15.33 -16.99 -1.29
CA ASN A 181 -16.79 -16.93 -1.27
C ASN A 181 -17.36 -15.97 -0.23
N SER A 182 -16.79 -15.98 0.97
CA SER A 182 -17.22 -15.19 2.12
C SER A 182 -16.01 -14.47 2.71
N MET A 183 -16.22 -13.21 3.13
CA MET A 183 -15.15 -12.50 3.85
C MET A 183 -14.73 -13.27 5.10
N GLU A 184 -15.59 -14.16 5.60
CA GLU A 184 -15.26 -14.85 6.83
C GLU A 184 -14.07 -15.78 6.60
N GLN A 185 -13.88 -16.23 5.35
CA GLN A 185 -12.70 -17.02 4.99
C GLN A 185 -11.38 -16.30 5.29
N ILE A 186 -11.34 -15.00 5.03
CA ILE A 186 -10.17 -14.20 5.33
C ILE A 186 -9.99 -14.02 6.85
N ARG A 187 -11.09 -13.69 7.57
CA ARG A 187 -11.01 -13.52 9.02
C ARG A 187 -10.48 -14.75 9.71
N ARG A 188 -10.77 -15.93 9.19
CA ARG A 188 -10.32 -17.17 9.81
C ARG A 188 -8.85 -17.49 9.59
N VAL A 189 -8.14 -16.73 8.76
CA VAL A 189 -6.71 -17.04 8.57
C VAL A 189 -5.98 -16.72 9.86
N MET A 190 -5.16 -17.64 10.33
CA MET A 190 -4.46 -17.45 11.58
CA MET A 190 -4.47 -17.43 11.58
C MET A 190 -3.06 -16.94 11.31
N ARG A 191 -2.54 -16.12 12.23
CA ARG A 191 -1.20 -15.53 12.23
C ARG A 191 -0.42 -15.88 13.50
N PRO A 192 0.93 -15.97 13.44
CA PRO A 192 1.72 -15.67 12.23
C PRO A 192 1.55 -16.73 11.16
N THR A 193 1.77 -16.40 9.89
CA THR A 193 1.68 -17.37 8.81
C THR A 193 2.61 -16.92 7.71
N ASP A 194 3.21 -17.91 7.04
CA ASP A 194 3.85 -17.66 5.77
C ASP A 194 2.76 -17.60 4.67
N ILE A 195 3.13 -17.19 3.47
CA ILE A 195 2.25 -17.23 2.31
C ILE A 195 2.43 -18.61 1.64
N PRO A 196 1.38 -19.41 1.53
CA PRO A 196 1.51 -20.73 0.89
C PRO A 196 1.61 -20.57 -0.61
N ASP A 197 2.06 -21.65 -1.26
CA ASP A 197 2.20 -21.77 -2.72
C ASP A 197 0.89 -21.72 -3.49
N VAL A 198 -0.23 -22.08 -2.86
CA VAL A 198 -1.55 -22.19 -3.50
C VAL A 198 -2.61 -21.78 -2.50
N GLY A 199 -3.78 -21.39 -3.00
CA GLY A 199 -4.96 -21.16 -2.14
C GLY A 199 -5.25 -19.70 -1.90
N LEU A 200 -6.21 -19.48 -1.02
CA LEU A 200 -6.81 -18.15 -0.83
C LEU A 200 -5.75 -17.10 -0.51
N LEU A 201 -4.92 -17.35 0.51
CA LEU A 201 -3.97 -16.32 0.91
C LEU A 201 -2.94 -16.05 -0.19
N CYS A 202 -2.47 -17.11 -0.86
CA CYS A 202 -1.62 -16.94 -2.04
C CYS A 202 -2.24 -15.99 -3.08
N ASP A 203 -3.49 -16.30 -3.50
CA ASP A 203 -4.17 -15.57 -4.56
C ASP A 203 -4.35 -14.10 -4.23
N LEU A 204 -4.71 -13.78 -2.97
CA LEU A 204 -4.96 -12.38 -2.59
C LEU A 204 -3.70 -11.54 -2.77
N LEU A 205 -2.54 -12.19 -2.65
CA LEU A 205 -1.27 -11.48 -2.77
C LEU A 205 -0.59 -11.63 -4.12
N TRP A 206 -1.04 -12.54 -4.96
CA TRP A 206 -0.33 -12.86 -6.20
C TRP A 206 -1.16 -12.72 -7.47
N SER A 207 -2.50 -12.76 -7.40
CA SER A 207 -3.28 -12.84 -8.66
C SER A 207 -3.26 -11.48 -9.39
N ASP A 208 -3.59 -11.52 -10.70
CA ASP A 208 -3.64 -10.32 -11.54
C ASP A 208 -4.92 -10.31 -12.36
N PRO A 209 -5.47 -9.12 -12.61
CA PRO A 209 -6.54 -9.03 -13.60
C PRO A 209 -5.94 -9.14 -15.00
N ASP A 210 -6.78 -9.63 -15.93
CA ASP A 210 -6.43 -9.70 -17.35
C ASP A 210 -7.65 -9.24 -18.17
N LYS A 211 -7.51 -8.11 -18.84
CA LYS A 211 -8.66 -7.47 -19.48
C LYS A 211 -9.26 -8.35 -20.58
N ASP A 212 -8.50 -9.31 -21.11
CA ASP A 212 -8.92 -10.04 -22.29
C ASP A 212 -9.44 -11.44 -22.00
N ILE A 213 -9.49 -11.89 -20.74
CA ILE A 213 -9.98 -13.22 -20.46
C ILE A 213 -11.36 -13.17 -19.87
N VAL A 214 -11.96 -14.34 -19.82
CA VAL A 214 -13.29 -14.61 -19.25
C VAL A 214 -13.08 -15.65 -18.16
N GLY A 215 -13.50 -15.34 -16.92
CA GLY A 215 -13.31 -16.33 -15.86
C GLY A 215 -11.88 -16.34 -15.33
N TRP A 216 -11.34 -17.51 -15.02
CA TRP A 216 -10.04 -17.64 -14.38
C TRP A 216 -9.10 -18.32 -15.35
N SER A 217 -7.84 -17.87 -15.43
CA SER A 217 -6.85 -18.52 -16.30
C SER A 217 -5.47 -18.51 -15.64
N GLU A 218 -4.46 -19.03 -16.35
CA GLU A 218 -3.10 -19.13 -15.81
C GLU A 218 -2.51 -17.78 -15.59
N ASN A 219 -1.49 -17.75 -14.75
CA ASN A 219 -0.73 -16.53 -14.53
C ASN A 219 0.70 -16.76 -14.98
N ASP A 220 1.17 -15.87 -15.85
CA ASP A 220 2.53 -15.96 -16.32
C ASP A 220 3.56 -15.92 -15.22
N ARG A 221 3.20 -15.41 -14.04
CA ARG A 221 4.17 -15.36 -12.95
C ARG A 221 4.57 -16.76 -12.51
N GLY A 222 3.77 -17.78 -12.84
CA GLY A 222 4.01 -19.10 -12.29
C GLY A 222 3.42 -19.31 -10.92
N VAL A 223 2.56 -18.40 -10.46
CA VAL A 223 1.92 -18.47 -9.14
C VAL A 223 0.50 -17.94 -9.35
N SER A 224 -0.48 -18.57 -8.71
CA SER A 224 -1.87 -18.06 -8.68
C SER A 224 -2.42 -18.00 -10.13
N PHE A 225 -3.32 -17.06 -10.38
CA PHE A 225 -4.18 -17.07 -11.55
C PHE A 225 -4.33 -15.64 -12.08
N THR A 226 -4.94 -15.55 -13.29
CA THR A 226 -5.49 -14.28 -13.78
C THR A 226 -7.01 -14.35 -13.77
N PHE A 227 -7.67 -13.18 -13.67
CA PHE A 227 -9.13 -13.14 -13.63
C PHE A 227 -9.64 -12.02 -14.53
N GLY A 228 -10.80 -12.25 -15.15
CA GLY A 228 -11.26 -11.32 -16.15
C GLY A 228 -12.26 -10.34 -15.54
N PRO A 229 -12.68 -9.35 -16.34
CA PRO A 229 -13.69 -8.40 -15.86
C PRO A 229 -14.95 -9.04 -15.33
N ASP A 230 -15.41 -10.14 -15.94
CA ASP A 230 -16.62 -10.78 -15.44
C ASP A 230 -16.48 -11.22 -13.99
N VAL A 231 -15.29 -11.69 -13.60
CA VAL A 231 -15.07 -12.10 -12.22
C VAL A 231 -15.19 -10.91 -11.26
N VAL A 232 -14.65 -9.75 -11.65
CA VAL A 232 -14.72 -8.60 -10.78
C VAL A 232 -16.17 -8.15 -10.64
N ASN A 233 -16.88 -8.07 -11.76
CA ASN A 233 -18.29 -7.65 -11.76
C ASN A 233 -19.11 -8.52 -10.82
N ARG A 234 -18.99 -9.85 -10.95
CA ARG A 234 -19.78 -10.76 -10.14
C ARG A 234 -19.42 -10.69 -8.68
N PHE A 235 -18.12 -10.67 -8.38
CA PHE A 235 -17.69 -10.50 -7.00
C PHE A 235 -18.40 -9.30 -6.36
N LEU A 236 -18.21 -8.12 -6.94
CA LEU A 236 -18.79 -6.89 -6.37
C LEU A 236 -20.30 -7.01 -6.22
N GLN A 237 -20.98 -7.53 -7.26
CA GLN A 237 -22.44 -7.76 -7.17
C GLN A 237 -22.78 -8.67 -6.00
N LYS A 238 -22.12 -9.82 -5.94
CA LYS A 238 -22.41 -10.75 -4.86
C LYS A 238 -22.07 -10.19 -3.49
N GLN A 239 -20.98 -9.44 -3.38
CA GLN A 239 -20.54 -8.98 -2.08
C GLN A 239 -21.06 -7.58 -1.75
N ASP A 240 -21.91 -7.02 -2.60
CA ASP A 240 -22.51 -5.70 -2.37
C ASP A 240 -21.42 -4.65 -2.16
N MET A 241 -20.37 -4.67 -3.00
CA MET A 241 -19.32 -3.65 -2.94
C MET A 241 -19.19 -2.96 -4.27
N GLU A 242 -18.38 -1.90 -4.31
CA GLU A 242 -18.37 -0.97 -5.42
C GLU A 242 -17.02 -0.78 -6.13
N LEU A 243 -15.90 -1.21 -5.52
CA LEU A 243 -14.59 -0.95 -6.12
C LEU A 243 -13.60 -1.93 -5.51
N ILE A 244 -12.74 -2.50 -6.34
CA ILE A 244 -11.53 -3.18 -5.87
C ILE A 244 -10.32 -2.26 -6.08
N CYS A 245 -9.54 -2.07 -5.03
CA CYS A 245 -8.28 -1.36 -5.12
CA CYS A 245 -8.29 -1.35 -5.09
C CYS A 245 -7.17 -2.37 -4.92
N ARG A 246 -6.23 -2.42 -5.87
CA ARG A 246 -5.13 -3.40 -5.75
C ARG A 246 -3.84 -2.77 -6.28
N ALA A 247 -2.72 -3.50 -6.21
CA ALA A 247 -1.45 -2.90 -6.65
C ALA A 247 -0.72 -3.91 -7.52
N HIS A 248 0.55 -4.27 -7.20
CA HIS A 248 1.23 -5.50 -7.67
C HIS A 248 1.66 -5.50 -9.16
N GLN A 249 1.15 -4.60 -10.00
CA GLN A 249 1.58 -4.50 -11.41
C GLN A 249 1.90 -3.05 -11.77
N VAL A 250 3.05 -2.80 -12.42
CA VAL A 250 3.43 -1.43 -12.75
C VAL A 250 2.43 -0.90 -13.77
N VAL A 251 2.03 0.35 -13.65
CA VAL A 251 1.14 0.94 -14.66
C VAL A 251 1.64 2.34 -15.00
N GLU A 252 1.58 2.69 -16.30
CA GLU A 252 2.34 3.85 -16.74
C GLU A 252 1.88 5.12 -16.06
N ASP A 253 0.57 5.26 -15.80
CA ASP A 253 0.09 6.49 -15.16
C ASP A 253 0.12 6.45 -13.64
N GLY A 254 0.56 5.34 -13.04
CA GLY A 254 0.51 5.16 -11.62
C GLY A 254 -0.84 4.64 -11.11
N TYR A 255 -1.91 4.88 -11.85
CA TYR A 255 -3.20 4.27 -11.57
C TYR A 255 -3.67 3.71 -12.90
N GLU A 256 -4.56 2.72 -12.86
CA GLU A 256 -5.14 2.25 -14.12
C GLU A 256 -6.44 1.50 -13.85
N PHE A 257 -7.51 1.93 -14.50
CA PHE A 257 -8.81 1.33 -14.27
C PHE A 257 -8.95 0.04 -15.03
N PHE A 258 -9.91 -0.78 -14.58
CA PHE A 258 -10.17 -2.11 -15.13
C PHE A 258 -11.65 -2.38 -14.97
N SER A 259 -12.25 -3.08 -15.94
CA SER A 259 -13.65 -3.50 -15.87
C SER A 259 -14.55 -2.24 -15.66
N LYS A 260 -14.45 -1.33 -16.63
CA LYS A 260 -15.01 0.03 -16.53
C LYS A 260 -14.29 0.70 -15.37
N ARG A 261 -14.94 0.97 -14.26
CA ARG A 261 -14.18 1.51 -13.13
C ARG A 261 -14.35 0.66 -11.87
N GLN A 262 -14.59 -0.63 -12.07
CA GLN A 262 -14.86 -1.52 -10.95
C GLN A 262 -13.60 -1.96 -10.23
N LEU A 263 -12.44 -1.78 -10.85
CA LEU A 263 -11.14 -2.13 -10.24
C LEU A 263 -10.13 -1.08 -10.65
N VAL A 264 -9.27 -0.65 -9.72
CA VAL A 264 -8.14 0.23 -10.03
C VAL A 264 -6.85 -0.40 -9.51
N THR A 265 -5.79 -0.37 -10.33
CA THR A 265 -4.46 -0.77 -9.91
C THR A 265 -3.74 0.51 -9.57
N LEU A 266 -3.12 0.54 -8.39
CA LEU A 266 -2.31 1.65 -7.93
C LEU A 266 -0.87 1.19 -7.80
N PHE A 267 0.07 2.02 -8.23
CA PHE A 267 1.49 1.63 -8.19
C PHE A 267 2.23 2.88 -7.78
N SER A 268 3.01 2.84 -6.71
CA SER A 268 3.48 4.10 -6.18
C SER A 268 4.99 4.29 -6.29
N ALA A 269 5.67 3.54 -7.14
CA ALA A 269 7.11 3.73 -7.27
C ALA A 269 7.43 4.34 -8.64
N PRO A 270 7.71 5.63 -8.74
CA PRO A 270 7.93 6.22 -10.07
C PRO A 270 9.26 5.77 -10.63
N ASN A 271 9.33 5.72 -11.96
CA ASN A 271 10.56 5.32 -12.65
C ASN A 271 11.02 3.97 -12.07
N TYR A 272 10.06 3.05 -11.91
CA TYR A 272 10.29 1.82 -11.17
C TYR A 272 11.53 1.10 -11.67
N CYS A 273 12.47 0.88 -10.75
CA CYS A 273 13.76 0.22 -11.01
C CYS A 273 14.71 1.06 -11.83
N GLY A 274 14.23 2.13 -12.45
CA GLY A 274 14.99 2.83 -13.46
C GLY A 274 14.75 2.37 -14.88
N GLU A 275 14.08 1.23 -15.09
CA GLU A 275 13.78 0.71 -16.43
C GLU A 275 12.35 0.95 -16.91
N PHE A 276 11.53 1.66 -16.16
CA PHE A 276 10.19 2.03 -16.60
C PHE A 276 10.06 3.54 -16.46
N ASP A 277 9.21 4.15 -17.26
CA ASP A 277 9.07 5.58 -17.08
C ASP A 277 7.76 5.94 -16.39
N ASN A 278 7.22 5.01 -15.61
CA ASN A 278 5.92 5.23 -14.99
C ASN A 278 5.95 6.36 -13.96
N ALA A 279 4.78 6.97 -13.77
CA ALA A 279 4.52 7.75 -12.58
C ALA A 279 4.02 6.84 -11.45
N GLY A 280 3.91 7.41 -10.25
CA GLY A 280 3.32 6.74 -9.10
C GLY A 280 2.05 7.45 -8.69
N ALA A 281 1.09 6.68 -8.19
CA ALA A 281 -0.18 7.30 -7.79
C ALA A 281 -0.58 6.90 -6.38
N MET A 282 -1.52 7.69 -5.87
CA MET A 282 -2.14 7.56 -4.57
C MET A 282 -3.59 7.91 -4.80
N MET A 283 -4.52 7.06 -4.36
CA MET A 283 -5.93 7.40 -4.51
C MET A 283 -6.46 8.00 -3.21
N SER A 284 -7.15 9.15 -3.31
CA SER A 284 -7.65 9.83 -2.13
C SER A 284 -9.16 9.60 -2.05
N VAL A 285 -9.66 9.21 -0.87
CA VAL A 285 -11.08 8.95 -0.64
C VAL A 285 -11.52 9.93 0.46
N ASP A 286 -12.44 10.85 0.14
CA ASP A 286 -12.69 11.87 1.15
C ASP A 286 -13.84 11.44 2.06
N GLU A 287 -14.17 12.32 3.03
CA GLU A 287 -15.20 12.05 4.03
C GLU A 287 -16.52 11.61 3.41
N SER A 288 -16.86 12.16 2.24
CA SER A 288 -18.13 11.82 1.60
C SER A 288 -17.93 10.85 0.45
N LEU A 289 -16.81 10.10 0.46
CA LEU A 289 -16.59 8.98 -0.45
C LEU A 289 -16.42 9.43 -1.90
N LEU A 290 -15.86 10.64 -2.08
CA LEU A 290 -15.42 11.13 -3.39
C LEU A 290 -13.94 10.80 -3.62
N CYS A 291 -13.66 10.18 -4.76
CA CYS A 291 -12.36 9.61 -5.05
C CYS A 291 -11.67 10.42 -6.13
N SER A 292 -10.38 10.65 -5.96
CA SER A 292 -9.55 11.25 -6.99
C SER A 292 -8.14 10.68 -6.83
N PHE A 293 -7.22 11.12 -7.72
CA PHE A 293 -5.85 10.59 -7.77
C PHE A 293 -4.85 11.74 -7.65
N GLN A 294 -3.81 11.51 -6.85
CA GLN A 294 -2.63 12.35 -6.79
C GLN A 294 -1.51 11.58 -7.45
N ILE A 295 -0.84 12.21 -8.43
CA ILE A 295 0.12 11.54 -9.31
C ILE A 295 1.50 12.18 -9.12
N LEU A 296 2.53 11.34 -9.00
CA LEU A 296 3.91 11.81 -8.92
C LEU A 296 4.64 11.56 -10.22
N LYS A 297 5.12 12.63 -10.85
CA LYS A 297 6.08 12.48 -11.94
C LYS A 297 7.37 11.83 -11.43
N PRO A 298 8.06 11.07 -12.27
CA PRO A 298 9.43 10.66 -11.94
C PRO A 298 10.32 11.89 -11.70
N ALA A 299 11.10 11.86 -10.61
CA ALA A 299 11.86 13.07 -10.22
C ALA A 299 13.20 13.17 -10.96
N ILE B 1 8.37 20.44 10.24
CA ILE B 1 9.09 19.51 11.10
C ILE B 1 8.18 19.10 12.32
N SER B 2 6.98 19.71 12.47
CA SER B 2 6.03 19.27 13.51
C SER B 2 4.61 19.16 12.95
N VAL B 3 3.89 18.08 13.35
CA VAL B 3 2.52 17.78 12.90
C VAL B 3 1.51 18.17 13.98
N GLN B 4 0.25 18.38 13.58
CA GLN B 4 -0.83 18.67 14.54
C GLN B 4 -1.52 17.36 14.92
N ASP B 5 -0.93 16.67 15.89
CA ASP B 5 -1.34 15.29 16.17
C ASP B 5 -1.93 15.14 17.56
N SER B 6 -2.52 16.21 18.08
CA SER B 6 -3.16 16.13 19.39
C SER B 6 -4.62 15.69 19.30
N ASN B 7 -5.15 15.55 18.08
CA ASN B 7 -6.57 15.26 17.90
C ASN B 7 -6.75 14.21 16.84
N VAL B 8 -5.90 13.18 16.84
CA VAL B 8 -6.07 12.12 15.86
C VAL B 8 -7.26 11.27 16.27
N GLN B 9 -8.17 11.00 15.35
CA GLN B 9 -9.31 10.16 15.70
C GLN B 9 -9.33 8.95 14.78
N SER B 10 -9.41 7.78 15.40
CA SER B 10 -9.32 6.47 14.75
C SER B 10 -10.26 6.34 13.57
N ILE B 11 -9.80 5.66 12.52
CA ILE B 11 -10.68 5.26 11.44
C ILE B 11 -10.88 3.74 11.40
N LEU B 12 -10.52 3.01 12.49
CA LEU B 12 -10.66 1.57 12.56
C LEU B 12 -12.03 1.23 13.10
N ARG B 13 -12.84 0.51 12.31
CA ARG B 13 -14.23 0.31 12.63
C ARG B 13 -14.60 -1.12 12.96
N ASN B 14 -13.65 -2.05 13.01
CA ASN B 14 -14.03 -3.45 13.18
C ASN B 14 -14.96 -3.68 14.36
N GLY B 15 -14.57 -3.24 15.54
CA GLY B 15 -15.55 -3.53 16.59
C GLY B 15 -16.86 -2.75 16.49
N LYS B 16 -16.86 -1.66 15.78
CA LYS B 16 -17.69 -0.52 16.15
C LYS B 16 -19.06 -0.61 15.52
N PRO B 17 -20.04 0.17 16.01
CA PRO B 17 -21.37 0.08 15.42
C PRO B 17 -21.29 0.49 13.97
N LYS B 18 -21.86 -0.36 13.12
CA LYS B 18 -22.09 -0.03 11.72
C LYS B 18 -22.42 1.45 11.65
N LYS B 19 -21.64 2.20 10.89
CA LYS B 19 -21.93 3.61 10.66
C LYS B 19 -23.37 3.79 10.21
N ALA B 20 -24.17 4.48 11.02
CA ALA B 20 -25.57 4.72 10.69
C ALA B 20 -25.75 5.29 9.28
N ARG B 21 -24.77 6.06 8.79
CA ARG B 21 -24.81 6.62 7.44
C ARG B 21 -24.25 5.63 6.42
N ILE B 22 -24.69 5.80 5.17
CA ILE B 22 -24.31 4.97 4.03
C ILE B 22 -24.26 5.88 2.80
N SER B 23 -23.34 5.57 1.89
CA SER B 23 -23.18 6.33 0.66
C SER B 23 -22.40 5.50 -0.36
N SER B 24 -22.67 5.74 -1.65
CA SER B 24 -21.95 5.09 -2.75
C SER B 24 -20.77 5.95 -3.17
N ILE B 25 -19.66 5.28 -3.53
CA ILE B 25 -18.50 6.06 -3.90
C ILE B 25 -18.75 6.70 -5.26
N LYS B 26 -18.05 7.81 -5.50
CA LYS B 26 -18.09 8.49 -6.78
C LYS B 26 -16.73 9.04 -7.09
N PHE B 27 -16.26 8.87 -8.33
CA PHE B 27 -15.08 9.60 -8.77
C PHE B 27 -15.40 11.04 -9.16
N LEU B 28 -14.49 11.97 -8.85
CA LEU B 28 -14.66 13.35 -9.31
C LEU B 28 -14.76 13.38 -10.83
N ASP B 29 -15.46 14.40 -11.35
CA ASP B 29 -15.54 14.59 -12.78
C ASP B 29 -14.15 14.58 -13.42
N ASP B 30 -14.06 14.08 -14.66
CA ASP B 30 -12.74 13.86 -15.28
C ASP B 30 -11.83 15.08 -15.28
N SER B 31 -12.41 16.28 -15.40
CA SER B 31 -11.62 17.51 -15.45
C SER B 31 -10.98 17.85 -14.12
N GLN B 32 -11.45 17.27 -13.03
CA GLN B 32 -10.85 17.48 -11.73
C GLN B 32 -10.35 16.17 -11.09
N LEU B 33 -10.32 15.09 -11.85
CA LEU B 33 -10.08 13.76 -11.26
C LEU B 33 -8.64 13.56 -10.80
N ILE B 34 -7.68 14.35 -11.30
CA ILE B 34 -6.27 14.05 -11.10
C ILE B 34 -5.51 15.32 -10.77
N LYS B 35 -4.57 15.24 -9.82
CA LYS B 35 -3.57 16.27 -9.60
C LYS B 35 -2.19 15.68 -9.79
N VAL B 36 -1.36 16.35 -10.61
CA VAL B 36 -0.03 15.88 -10.96
C VAL B 36 0.99 16.76 -10.27
N TYR B 37 2.07 16.16 -9.80
CA TYR B 37 3.09 16.85 -9.04
C TYR B 37 4.44 16.50 -9.63
N GLY B 38 5.44 17.27 -9.25
CA GLY B 38 6.77 17.06 -9.78
C GLY B 38 7.65 18.26 -9.61
N ASP B 39 8.93 18.02 -9.91
CA ASP B 39 9.91 19.10 -9.98
C ASP B 39 9.47 20.16 -10.99
N ASP B 40 9.16 19.74 -12.23
CA ASP B 40 8.72 20.66 -13.30
C ASP B 40 7.43 21.39 -12.97
N LEU B 41 6.65 20.88 -12.04
CA LEU B 41 5.27 21.31 -11.80
C LEU B 41 5.18 22.14 -10.53
N PRO B 42 4.06 22.83 -10.33
CA PRO B 42 3.89 23.65 -9.13
C PRO B 42 3.58 22.83 -7.88
N ASN B 43 4.04 23.34 -6.74
CA ASN B 43 3.96 22.62 -5.47
C ASN B 43 2.57 22.08 -5.18
N GLN B 44 1.56 22.93 -5.34
CA GLN B 44 0.21 22.52 -4.99
C GLN B 44 -0.39 21.58 -6.02
N GLY B 45 0.32 21.32 -7.11
CA GLY B 45 -0.14 20.36 -8.08
C GLY B 45 -1.00 20.97 -9.17
N LEU B 46 -0.89 20.40 -10.35
CA LEU B 46 -1.68 20.80 -11.49
C LEU B 46 -2.90 19.89 -11.61
N GLN B 47 -4.09 20.47 -11.76
CA GLN B 47 -5.29 19.65 -11.81
C GLN B 47 -5.58 19.34 -13.27
N VAL B 48 -5.50 18.06 -13.65
CA VAL B 48 -5.66 17.69 -15.05
C VAL B 48 -6.72 16.60 -15.17
N SER B 49 -7.03 16.26 -16.40
CA SER B 49 -7.90 15.15 -16.76
C SER B 49 -7.07 13.93 -17.14
N PRO B 50 -7.71 12.75 -17.27
CA PRO B 50 -6.95 11.57 -17.71
C PRO B 50 -6.14 11.77 -18.98
N THR B 51 -6.74 12.29 -20.04
CA THR B 51 -5.97 12.49 -21.26
C THR B 51 -4.92 13.59 -21.08
N GLN B 52 -5.29 14.69 -20.41
CA GLN B 52 -4.31 15.74 -20.13
C GLN B 52 -3.09 15.19 -19.40
N LEU B 53 -3.31 14.25 -18.48
CA LEU B 53 -2.20 13.66 -17.72
C LEU B 53 -1.20 12.95 -18.63
N LYS B 54 -1.70 12.11 -19.54
CA LYS B 54 -0.80 11.37 -20.41
C LYS B 54 0.08 12.29 -21.23
N LYS B 55 -0.44 13.47 -21.59
CA LYS B 55 0.36 14.46 -22.31
C LYS B 55 1.51 14.95 -21.43
N ILE B 56 1.20 15.33 -20.20
CA ILE B 56 2.22 15.81 -19.27
C ILE B 56 3.24 14.73 -18.98
N LEU B 57 2.80 13.49 -18.81
CA LEU B 57 3.74 12.42 -18.52
C LEU B 57 4.57 12.07 -19.75
N LYS B 58 3.93 11.96 -20.90
CA LYS B 58 4.55 11.47 -22.14
C LYS B 58 4.31 12.48 -23.25
N PRO B 59 5.00 13.65 -23.22
CA PRO B 59 4.83 14.56 -24.36
C PRO B 59 5.37 13.99 -25.70
#